data_7OKF
#
_entry.id   7OKF
#
_cell.length_a   67.270
_cell.length_b   67.270
_cell.length_c   165.417
_cell.angle_alpha   90.000
_cell.angle_beta   90.000
_cell.angle_gamma   120.000
#
_symmetry.space_group_name_H-M   'P 61 2 2'
#
loop_
_entity.id
_entity.type
_entity.pdbx_description
1 polymer 'B-cell lymphoma 6 protein'
2 polymer ALA-TRP-VAL-ILE-PRO-ALA
3 non-polymer 2-chloranyl-4-[[4-(4-methylpiperazin-1-yl)-2-oxidanylidene-1H-quinolin-6-yl]amino]pyridine-3-carbonitrile
4 non-polymer 1,2-ETHANEDIOL
5 non-polymer 'DIMETHYL SULFOXIDE'
6 non-polymer 'CHLORIDE ION'
7 water water
#
loop_
_entity_poly.entity_id
_entity_poly.type
_entity_poly.pdbx_seq_one_letter_code
_entity_poly.pdbx_strand_id
1 'polypeptide(L)'
;GPGADSCIQFTRHASDVLLNLNRLRSRDILTDVVIVVSREQFRAHKTVLMACSGLFYSIFTDQLKCNLSVINLDPEINPE
GFCILLDFMYTSRLNLREGNIMAVMATAMYLQMEHVVDTCRKFIKASE
;
A
2 'polypeptide(L)' AWVIPA B
#
# COMPACT_ATOMS: atom_id res chain seq x y z
N ALA A 4 -21.22 3.71 -20.88
CA ALA A 4 -22.54 3.10 -21.14
C ALA A 4 -22.91 2.05 -20.08
N ASP A 5 -24.22 1.82 -19.91
CA ASP A 5 -24.78 0.83 -18.98
C ASP A 5 -24.85 -0.57 -19.61
N SER A 6 -24.46 -0.69 -20.90
CA SER A 6 -24.45 -1.93 -21.66
C SER A 6 -23.11 -2.69 -21.56
N CYS A 7 -22.19 -2.26 -20.69
CA CYS A 7 -20.86 -2.86 -20.51
CA CYS A 7 -20.87 -2.89 -20.57
C CYS A 7 -20.91 -4.32 -20.01
N ILE A 8 -19.87 -5.12 -20.34
CA ILE A 8 -19.62 -6.46 -19.79
C ILE A 8 -18.37 -6.22 -18.90
N GLN A 9 -18.09 -7.11 -17.93
CA GLN A 9 -16.98 -6.91 -17.01
C GLN A 9 -16.15 -8.17 -16.89
N PHE A 10 -14.82 -8.01 -16.86
CA PHE A 10 -13.91 -9.15 -16.69
C PHE A 10 -13.58 -9.18 -15.21
N THR A 11 -14.14 -10.16 -14.51
N THR A 11 -14.12 -10.18 -14.49
CA THR A 11 -14.02 -10.30 -13.06
CA THR A 11 -14.03 -10.34 -13.03
C THR A 11 -12.57 -10.15 -12.55
C THR A 11 -12.61 -10.34 -12.42
N ARG A 12 -11.62 -10.88 -13.15
CA ARG A 12 -10.21 -10.92 -12.68
C ARG A 12 -9.37 -9.75 -13.10
N HIS A 13 -9.93 -8.81 -13.89
CA HIS A 13 -9.09 -7.73 -14.42
C HIS A 13 -8.35 -6.94 -13.37
N ALA A 14 -9.05 -6.45 -12.33
CA ALA A 14 -8.42 -5.62 -11.29
C ALA A 14 -7.30 -6.38 -10.56
N SER A 15 -7.52 -7.67 -10.21
N SER A 15 -7.54 -7.67 -10.23
N SER A 15 -7.54 -7.66 -10.23
CA SER A 15 -6.48 -8.43 -9.54
CA SER A 15 -6.57 -8.52 -9.56
CA SER A 15 -6.56 -8.51 -9.55
C SER A 15 -5.30 -8.71 -10.47
C SER A 15 -5.35 -8.78 -10.45
C SER A 15 -5.34 -8.77 -10.45
N ASP A 16 -5.57 -8.94 -11.77
CA ASP A 16 -4.48 -9.18 -12.75
C ASP A 16 -3.64 -7.93 -12.90
N VAL A 17 -4.29 -6.76 -12.92
CA VAL A 17 -3.57 -5.47 -13.01
C VAL A 17 -2.64 -5.33 -11.80
N LEU A 18 -3.17 -5.58 -10.60
CA LEU A 18 -2.37 -5.42 -9.39
C LEU A 18 -1.18 -6.39 -9.34
N LEU A 19 -1.38 -7.64 -9.85
CA LEU A 19 -0.31 -8.63 -9.92
C LEU A 19 0.80 -8.14 -10.83
N ASN A 20 0.41 -7.54 -11.99
CA ASN A 20 1.43 -6.99 -12.90
C ASN A 20 2.13 -5.78 -12.30
N LEU A 21 1.38 -4.92 -11.57
CA LEU A 21 2.04 -3.75 -10.92
C LEU A 21 3.06 -4.25 -9.88
N ASN A 22 2.70 -5.32 -9.14
CA ASN A 22 3.65 -5.88 -8.18
C ASN A 22 4.88 -6.50 -8.88
N ARG A 23 4.70 -7.15 -10.05
CA ARG A 23 5.83 -7.69 -10.81
C ARG A 23 6.73 -6.54 -11.28
N LEU A 24 6.13 -5.41 -11.73
CA LEU A 24 6.96 -4.27 -12.13
C LEU A 24 7.75 -3.76 -10.92
N ARG A 25 7.09 -3.68 -9.76
CA ARG A 25 7.78 -3.23 -8.55
C ARG A 25 8.98 -4.15 -8.22
N SER A 26 8.76 -5.49 -8.24
N SER A 26 8.76 -5.49 -8.27
N SER A 26 8.76 -5.49 -8.27
CA SER A 26 9.81 -6.46 -7.93
CA SER A 26 9.77 -6.52 -7.99
CA SER A 26 9.77 -6.52 -7.98
C SER A 26 11.02 -6.32 -8.86
C SER A 26 11.00 -6.37 -8.88
C SER A 26 10.98 -6.45 -8.90
N ARG A 27 10.77 -6.00 -10.15
CA ARG A 27 11.84 -5.85 -11.15
C ARG A 27 12.33 -4.42 -11.28
N ASP A 28 11.84 -3.54 -10.41
CA ASP A 28 12.22 -2.13 -10.36
C ASP A 28 11.92 -1.41 -11.69
N ILE A 29 10.79 -1.77 -12.31
CA ILE A 29 10.41 -1.19 -13.60
C ILE A 29 9.49 0.00 -13.41
N LEU A 30 9.93 1.18 -13.89
N LEU A 30 9.91 1.18 -13.90
CA LEU A 30 9.22 2.45 -13.86
CA LEU A 30 9.14 2.43 -13.87
C LEU A 30 8.82 2.94 -12.46
C LEU A 30 8.81 2.94 -12.46
N THR A 31 9.54 2.43 -11.44
CA THR A 31 9.40 2.91 -10.05
C THR A 31 9.92 4.37 -10.08
N ASP A 32 9.21 5.27 -9.41
CA ASP A 32 9.48 6.70 -9.51
C ASP A 32 9.64 7.39 -8.17
N VAL A 33 9.71 6.62 -7.07
CA VAL A 33 9.90 7.20 -5.75
C VAL A 33 10.59 6.22 -4.84
N VAL A 34 11.39 6.75 -3.91
CA VAL A 34 12.00 5.95 -2.85
C VAL A 34 11.36 6.45 -1.56
N ILE A 35 10.80 5.55 -0.76
CA ILE A 35 10.26 5.88 0.57
C ILE A 35 11.31 5.45 1.57
N VAL A 36 11.77 6.40 2.38
CA VAL A 36 12.82 6.16 3.36
C VAL A 36 12.17 6.10 4.76
N VAL A 37 12.40 4.97 5.46
CA VAL A 37 11.83 4.70 6.79
C VAL A 37 13.01 4.33 7.66
N SER A 38 13.57 5.37 8.29
N SER A 38 13.54 5.33 8.38
CA SER A 38 14.75 5.23 9.10
CA SER A 38 14.66 5.11 9.29
C SER A 38 15.91 4.77 8.22
C SER A 38 15.83 4.43 8.65
N ARG A 39 16.54 3.67 8.55
N ARG A 39 16.24 4.95 7.49
CA ARG A 39 17.64 3.21 7.70
CA ARG A 39 17.37 4.48 6.69
C ARG A 39 17.23 2.52 6.39
C ARG A 39 17.13 3.17 5.89
N GLU A 40 15.95 2.22 6.22
N GLU A 40 15.91 2.65 5.93
CA GLU A 40 15.50 1.46 5.07
CA GLU A 40 15.52 1.52 5.09
C GLU A 40 14.86 2.22 3.92
C GLU A 40 14.83 2.22 3.91
N GLN A 41 15.15 1.76 2.71
CA GLN A 41 14.62 2.39 1.48
C GLN A 41 13.71 1.43 0.75
N PHE A 42 12.57 1.95 0.26
CA PHE A 42 11.61 1.10 -0.47
C PHE A 42 11.26 1.79 -1.77
N ARG A 43 11.48 1.11 -2.91
CA ARG A 43 11.17 1.69 -4.20
C ARG A 43 9.72 1.37 -4.55
N ALA A 44 9.00 2.35 -5.11
CA ALA A 44 7.59 2.13 -5.44
C ALA A 44 7.13 3.01 -6.59
N HIS A 45 5.83 2.91 -6.94
CA HIS A 45 5.16 3.70 -7.96
C HIS A 45 4.26 4.67 -7.19
N LYS A 46 4.45 5.98 -7.39
CA LYS A 46 3.62 6.99 -6.71
C LYS A 46 2.12 6.74 -6.91
N THR A 47 1.69 6.35 -8.14
CA THR A 47 0.25 6.14 -8.35
C THR A 47 -0.33 5.03 -7.49
N VAL A 48 0.44 3.95 -7.29
CA VAL A 48 -0.05 2.86 -6.45
C VAL A 48 -0.13 3.32 -4.98
N LEU A 49 0.91 4.03 -4.53
CA LEU A 49 0.91 4.55 -3.15
C LEU A 49 -0.31 5.46 -2.91
N MET A 50 -0.58 6.41 -3.82
CA MET A 50 -1.74 7.32 -3.71
C MET A 50 -3.03 6.54 -3.71
N ALA A 51 -3.11 5.52 -4.57
CA ALA A 51 -4.35 4.72 -4.70
C ALA A 51 -4.66 3.90 -3.44
N CYS A 52 -3.68 3.73 -2.54
CA CYS A 52 -3.83 2.90 -1.33
C CYS A 52 -3.82 3.65 -0.02
N SER A 53 -3.31 4.88 -0.02
CA SER A 53 -3.02 5.58 1.23
C SER A 53 -3.47 7.04 1.17
N GLY A 54 -4.21 7.47 2.17
CA GLY A 54 -4.62 8.87 2.26
C GLY A 54 -3.43 9.81 2.39
N LEU A 55 -2.37 9.36 3.11
CA LEU A 55 -1.17 10.18 3.30
C LEU A 55 -0.44 10.38 1.95
N PHE A 56 -0.19 9.29 1.20
CA PHE A 56 0.47 9.42 -0.12
C PHE A 56 -0.37 10.17 -1.13
N TYR A 57 -1.72 9.98 -1.07
CA TYR A 57 -2.61 10.72 -1.94
C TYR A 57 -2.42 12.24 -1.70
N SER A 58 -2.37 12.67 -0.42
N SER A 58 -2.39 12.67 -0.42
CA SER A 58 -2.15 14.07 -0.04
CA SER A 58 -2.17 14.07 -0.09
C SER A 58 -0.76 14.58 -0.45
C SER A 58 -0.78 14.54 -0.57
N ILE A 59 0.28 13.74 -0.28
CA ILE A 59 1.67 14.08 -0.63
C ILE A 59 1.83 14.28 -2.13
N PHE A 60 1.41 13.31 -2.94
CA PHE A 60 1.69 13.39 -4.38
C PHE A 60 0.69 14.23 -5.18
N THR A 61 -0.36 14.78 -4.53
CA THR A 61 -1.24 15.76 -5.18
C THR A 61 -0.75 17.17 -4.82
N ASP A 62 0.24 17.29 -3.93
CA ASP A 62 0.80 18.60 -3.58
C ASP A 62 1.66 19.07 -4.77
N GLN A 63 1.51 20.34 -5.17
CA GLN A 63 2.19 20.92 -6.34
C GLN A 63 3.72 20.94 -6.24
N LEU A 64 4.30 20.88 -5.01
CA LEU A 64 5.76 20.76 -4.86
C LEU A 64 6.15 19.29 -4.63
N LYS A 65 5.48 18.61 -3.70
CA LYS A 65 5.86 17.24 -3.32
C LYS A 65 5.65 16.21 -4.41
N CYS A 66 4.72 16.47 -5.36
CA CYS A 66 4.48 15.55 -6.48
C CYS A 66 5.77 15.28 -7.27
N ASN A 67 6.71 16.26 -7.28
CA ASN A 67 7.95 16.16 -8.04
C ASN A 67 9.12 15.50 -7.31
N LEU A 68 8.97 15.23 -6.00
CA LEU A 68 10.06 14.64 -5.23
C LEU A 68 10.27 13.19 -5.59
N SER A 69 11.54 12.76 -5.62
CA SER A 69 11.91 11.38 -5.93
CA SER A 69 11.87 11.37 -5.93
C SER A 69 12.16 10.59 -4.65
N VAL A 70 12.20 11.28 -3.51
CA VAL A 70 12.47 10.66 -2.19
C VAL A 70 11.52 11.28 -1.19
N ILE A 71 10.89 10.42 -0.37
CA ILE A 71 10.00 10.87 0.70
C ILE A 71 10.49 10.21 1.97
N ASN A 72 10.79 11.03 2.98
CA ASN A 72 11.25 10.52 4.26
C ASN A 72 10.06 10.45 5.22
N LEU A 73 9.76 9.26 5.75
CA LEU A 73 8.68 9.14 6.73
C LEU A 73 9.13 9.52 8.13
N ASP A 74 8.15 9.77 9.01
CA ASP A 74 8.42 10.12 10.41
C ASP A 74 9.37 9.04 11.04
N PRO A 75 10.42 9.45 11.77
CA PRO A 75 11.36 8.45 12.36
C PRO A 75 10.72 7.46 13.34
N GLU A 76 9.49 7.73 13.81
CA GLU A 76 8.80 6.79 14.70
C GLU A 76 8.18 5.61 13.92
N ILE A 77 8.16 5.69 12.59
CA ILE A 77 7.58 4.62 11.78
C ILE A 77 8.52 3.43 11.69
N ASN A 78 7.97 2.25 11.97
CA ASN A 78 8.69 1.00 11.96
C ASN A 78 8.89 0.51 10.50
N PRO A 79 10.14 0.24 10.05
CA PRO A 79 10.35 -0.22 8.66
C PRO A 79 9.65 -1.54 8.33
N GLU A 80 9.63 -2.51 9.25
CA GLU A 80 8.93 -3.77 8.97
C GLU A 80 7.41 -3.53 8.80
N GLY A 81 6.82 -2.69 9.66
CA GLY A 81 5.41 -2.32 9.53
C GLY A 81 5.16 -1.68 8.17
N PHE A 82 6.06 -0.76 7.73
CA PHE A 82 5.90 -0.17 6.41
C PHE A 82 5.99 -1.24 5.28
N CYS A 83 6.97 -2.14 5.38
CA CYS A 83 7.19 -3.20 4.40
C CYS A 83 5.93 -4.05 4.23
N ILE A 84 5.34 -4.44 5.37
CA ILE A 84 4.11 -5.27 5.37
C ILE A 84 2.98 -4.51 4.66
N LEU A 85 2.86 -3.20 4.95
CA LEU A 85 1.81 -2.39 4.32
C LEU A 85 2.07 -2.15 2.84
N LEU A 86 3.33 -1.96 2.43
CA LEU A 86 3.68 -1.81 1.02
C LEU A 86 3.31 -3.10 0.26
N ASP A 87 3.60 -4.28 0.85
CA ASP A 87 3.24 -5.56 0.23
C ASP A 87 1.73 -5.66 0.09
N PHE A 88 0.99 -5.27 1.12
CA PHE A 88 -0.47 -5.27 1.09
C PHE A 88 -0.98 -4.34 -0.04
N MET A 89 -0.39 -3.15 -0.20
CA MET A 89 -0.81 -2.23 -1.25
C MET A 89 -0.76 -2.92 -2.61
N TYR A 90 0.34 -3.66 -2.87
CA TYR A 90 0.59 -4.29 -4.16
C TYR A 90 0.00 -5.69 -4.31
N THR A 91 -0.60 -6.28 -3.24
CA THR A 91 -1.10 -7.66 -3.38
C THR A 91 -2.46 -7.95 -2.80
N SER A 92 -3.00 -7.03 -1.96
N SER A 92 -2.97 -7.04 -1.93
CA SER A 92 -4.26 -7.19 -1.18
CA SER A 92 -4.21 -7.13 -1.14
C SER A 92 -4.08 -8.13 0.01
C SER A 92 -4.06 -8.10 0.04
N ARG A 93 -2.86 -8.65 0.23
CA ARG A 93 -2.56 -9.62 1.31
C ARG A 93 -1.76 -8.95 2.41
N LEU A 94 -2.24 -9.07 3.66
CA LEU A 94 -1.64 -8.45 4.83
C LEU A 94 -1.08 -9.53 5.75
N ASN A 95 0.24 -9.52 5.95
CA ASN A 95 0.91 -10.49 6.81
C ASN A 95 0.79 -10.01 8.26
N LEU A 96 -0.39 -10.17 8.82
CA LEU A 96 -0.66 -9.70 10.19
C LEU A 96 -0.35 -10.81 11.20
N ARG A 97 0.54 -10.51 12.16
CA ARG A 97 1.00 -11.48 13.16
C ARG A 97 1.03 -10.85 14.55
N GLU A 98 1.00 -11.68 15.62
CA GLU A 98 1.05 -11.16 16.99
C GLU A 98 2.23 -10.21 17.20
N GLY A 99 3.39 -10.59 16.64
CA GLY A 99 4.63 -9.82 16.79
C GLY A 99 4.72 -8.56 15.98
N ASN A 100 3.80 -8.33 15.01
CA ASN A 100 3.88 -7.11 14.21
C ASN A 100 2.62 -6.25 14.26
N ILE A 101 1.53 -6.76 14.83
CA ILE A 101 0.24 -6.04 14.77
C ILE A 101 0.28 -4.59 15.28
N MET A 102 0.96 -4.34 16.41
CA MET A 102 1.02 -2.97 16.94
C MET A 102 1.71 -2.02 15.96
N ALA A 103 2.86 -2.46 15.38
CA ALA A 103 3.59 -1.65 14.39
C ALA A 103 2.75 -1.49 13.11
N VAL A 104 2.09 -2.58 12.67
CA VAL A 104 1.26 -2.51 11.44
C VAL A 104 0.13 -1.50 11.66
N MET A 105 -0.59 -1.58 12.81
CA MET A 105 -1.71 -0.66 13.07
C MET A 105 -1.22 0.78 13.13
N ALA A 106 -0.14 1.06 13.88
CA ALA A 106 0.39 2.44 13.97
C ALA A 106 0.79 2.98 12.60
N THR A 107 1.40 2.13 11.77
CA THR A 107 1.83 2.55 10.45
C THR A 107 0.60 2.83 9.57
N ALA A 108 -0.43 1.96 9.64
CA ALA A 108 -1.65 2.13 8.85
C ALA A 108 -2.38 3.39 9.27
N MET A 109 -2.37 3.74 10.58
CA MET A 109 -3.00 5.00 11.03
C MET A 109 -2.27 6.20 10.40
N TYR A 110 -0.94 6.18 10.44
CA TYR A 110 -0.12 7.25 9.87
C TYR A 110 -0.33 7.35 8.35
N LEU A 111 -0.33 6.20 7.66
CA LEU A 111 -0.52 6.20 6.19
C LEU A 111 -1.97 6.46 5.77
N GLN A 112 -2.91 6.38 6.73
CA GLN A 112 -4.35 6.56 6.50
C GLN A 112 -4.86 5.45 5.58
N MET A 113 -4.91 4.23 6.13
CA MET A 113 -5.36 3.03 5.41
C MET A 113 -6.42 2.40 6.32
N GLU A 114 -7.66 2.94 6.25
CA GLU A 114 -8.76 2.62 7.16
C GLU A 114 -9.11 1.15 7.28
N HIS A 115 -9.07 0.38 6.18
CA HIS A 115 -9.43 -1.03 6.26
C HIS A 115 -8.41 -1.83 7.04
N VAL A 116 -7.11 -1.49 6.89
CA VAL A 116 -6.07 -2.17 7.66
C VAL A 116 -6.24 -1.81 9.14
N VAL A 117 -6.46 -0.51 9.45
CA VAL A 117 -6.67 -0.09 10.84
C VAL A 117 -7.84 -0.87 11.46
N ASP A 118 -8.95 -1.00 10.72
N ASP A 118 -8.96 -1.01 10.72
CA ASP A 118 -10.15 -1.73 11.16
CA ASP A 118 -10.14 -1.73 11.19
C ASP A 118 -9.84 -3.17 11.55
C ASP A 118 -9.87 -3.19 11.55
N THR A 119 -9.16 -3.94 10.67
CA THR A 119 -8.85 -5.37 10.96
C THR A 119 -7.85 -5.50 12.12
N CYS A 120 -6.91 -4.54 12.23
CA CYS A 120 -5.97 -4.54 13.35
C CYS A 120 -6.73 -4.36 14.65
N ARG A 121 -7.66 -3.40 14.69
CA ARG A 121 -8.48 -3.14 15.87
C ARG A 121 -9.28 -4.38 16.28
N LYS A 122 -9.89 -5.06 15.30
N LYS A 122 -9.89 -5.06 15.30
CA LYS A 122 -10.68 -6.28 15.53
CA LYS A 122 -10.68 -6.28 15.49
C LYS A 122 -9.82 -7.42 16.08
C LYS A 122 -9.81 -7.40 16.09
N PHE A 123 -8.60 -7.62 15.52
CA PHE A 123 -7.68 -8.67 15.98
C PHE A 123 -7.18 -8.37 17.41
N ILE A 124 -6.93 -7.10 17.73
CA ILE A 124 -6.51 -6.73 19.09
C ILE A 124 -7.64 -6.95 20.11
N LYS A 125 -8.86 -6.49 19.77
CA LYS A 125 -10.04 -6.61 20.62
C LYS A 125 -10.33 -8.09 20.94
N ALA A 126 -10.14 -8.98 19.95
CA ALA A 126 -10.35 -10.42 20.14
C ALA A 126 -9.35 -11.06 21.14
N SER A 127 -8.13 -10.49 21.26
N SER A 127 -8.14 -10.51 21.30
CA SER A 127 -7.06 -10.95 22.16
CA SER A 127 -7.15 -11.06 22.24
C SER A 127 -7.16 -10.36 23.59
C SER A 127 -7.40 -10.58 23.68
N GLU A 128 -8.15 -9.49 23.83
CA GLU A 128 -8.44 -8.87 25.14
C GLU A 128 -9.45 -9.68 25.96
CA ALA B 1 -14.52 -14.84 -16.82
C ALA B 1 -15.20 -13.47 -17.02
N TRP B 2 -16.12 -13.37 -18.01
CA TRP B 2 -16.86 -12.14 -18.29
C TRP B 2 -18.25 -12.28 -17.71
N VAL B 3 -18.78 -11.16 -17.19
CA VAL B 3 -20.10 -11.11 -16.54
C VAL B 3 -20.86 -9.83 -16.87
N ILE B 4 -22.17 -9.83 -16.53
CA ILE B 4 -22.99 -8.61 -16.59
C ILE B 4 -22.78 -7.97 -15.20
N PRO B 5 -22.10 -6.82 -15.11
CA PRO B 5 -21.84 -6.24 -13.77
C PRO B 5 -23.08 -5.67 -13.09
N ALA B 6 -23.14 -5.78 -11.75
#